data_1PZK
#
_entry.id   1PZK
#
_cell.length_a   102.048
_cell.length_b   66.137
_cell.length_c   78.185
_cell.angle_alpha   90.00
_cell.angle_beta   105.78
_cell.angle_gamma   90.00
#
_symmetry.space_group_name_H-M   'C 1 2 1'
#
loop_
_entity.id
_entity.type
_entity.pdbx_description
1 polymer 'Cholera Toxin B Subunit'
2 non-polymer N-{3-[4-(3-AMINO-PROPYL)-PIPERAZIN-1-YL]-PROPYL}-3-(2-THIOPHEN-2-YL-ACETYLAMINO)-5-(3,4,5-TRIHYDROXY-6-HYDROXYMETHYL-TETRAHYDRO-PYRAN-2-YLOXY)-BENZAMIDE
3 water water
#
_entity_poly.entity_id   1
_entity_poly.type   'polypeptide(L)'
_entity_poly.pdbx_seq_one_letter_code
;TPQNITDLCAEYHNTQIHTLNDKIFSYTESLAGKREMAIITFKNGATFQVEVPGSQHIDSQKKAIERMKDTLRIAYLTEA
KVEKLCVWNNKTPHAIAAISMAN
;
_entity_poly.pdbx_strand_id   D,E,F,G,H
#
# COMPACT_ATOMS: atom_id res chain seq x y z
N THR A 1 27.34 1.12 11.11
CA THR A 1 26.30 0.86 10.06
C THR A 1 26.53 1.71 8.79
N PRO A 2 26.47 1.08 7.63
CA PRO A 2 26.84 1.72 6.36
C PRO A 2 26.01 2.95 6.12
N GLN A 3 26.55 3.90 5.37
CA GLN A 3 25.86 5.15 5.09
C GLN A 3 25.36 5.28 3.66
N ASN A 4 25.64 4.26 2.83
CA ASN A 4 25.22 4.26 1.48
C ASN A 4 25.23 2.85 0.93
N ILE A 5 24.65 2.69 -0.25
CA ILE A 5 24.50 1.39 -0.88
C ILE A 5 25.83 0.69 -1.17
N THR A 6 26.83 1.47 -1.53
CA THR A 6 28.12 0.89 -1.93
C THR A 6 28.79 0.26 -0.73
N ASP A 7 28.76 0.98 0.39
CA ASP A 7 29.34 0.47 1.63
C ASP A 7 28.58 -0.74 2.17
N LEU A 8 27.25 -0.71 2.06
CA LEU A 8 26.43 -1.83 2.48
C LEU A 8 26.74 -3.06 1.63
N CYS A 9 26.81 -2.88 0.32
CA CYS A 9 27.04 -3.97 -0.61
C CYS A 9 28.39 -4.67 -0.31
N ALA A 10 29.37 -3.86 0.08
CA ALA A 10 30.73 -4.33 0.35
C ALA A 10 30.81 -5.29 1.53
N GLU A 11 29.77 -5.30 2.36
CA GLU A 11 29.77 -6.19 3.54
C GLU A 11 29.45 -7.65 3.22
N TYR A 12 29.07 -7.93 1.97
CA TYR A 12 28.58 -9.28 1.61
C TYR A 12 29.50 -9.97 0.62
N HIS A 13 29.48 -11.30 0.66
CA HIS A 13 30.21 -12.10 -0.32
C HIS A 13 29.41 -12.18 -1.60
N ASN A 14 30.10 -12.29 -2.73
CA ASN A 14 29.46 -12.50 -4.01
C ASN A 14 28.50 -11.39 -4.41
N THR A 15 28.81 -10.15 -4.06
CA THR A 15 28.04 -9.02 -4.53
C THR A 15 28.83 -8.05 -5.37
N GLN A 16 28.08 -7.23 -6.12
CA GLN A 16 28.65 -6.10 -6.83
C GLN A 16 27.58 -5.02 -7.01
N ILE A 17 28.08 -3.80 -7.24
CA ILE A 17 27.25 -2.66 -7.61
C ILE A 17 27.14 -2.56 -9.11
N HIS A 18 25.90 -2.36 -9.58
CA HIS A 18 25.63 -1.91 -10.94
C HIS A 18 25.11 -0.48 -10.84
N THR A 19 25.62 0.41 -11.69
CA THR A 19 25.14 1.78 -11.75
C THR A 19 24.29 1.94 -12.99
N LEU A 20 23.03 2.27 -12.78
CA LEU A 20 22.09 2.40 -13.85
C LEU A 20 21.82 3.86 -14.21
N ASN A 21 21.52 4.66 -13.20
CA ASN A 21 21.10 6.05 -13.40
C ASN A 21 20.06 6.19 -14.50
N ASP A 22 19.02 5.36 -14.40
CA ASP A 22 17.98 5.25 -15.39
C ASP A 22 16.71 4.69 -14.75
N LYS A 23 15.57 5.01 -15.35
CA LYS A 23 14.31 4.40 -14.97
C LYS A 23 14.27 2.95 -15.40
N ILE A 24 13.39 2.17 -14.78
CA ILE A 24 13.19 0.78 -15.12
C ILE A 24 12.45 0.70 -16.44
N PHE A 25 12.96 -0.14 -17.34
CA PHE A 25 12.35 -0.38 -18.65
C PHE A 25 11.14 -1.30 -18.62
N SER A 26 11.24 -2.38 -17.87
CA SER A 26 10.11 -3.29 -17.73
C SER A 26 10.09 -3.88 -16.34
N TYR A 27 8.86 -4.17 -15.90
CA TYR A 27 8.59 -4.78 -14.61
C TYR A 27 7.71 -6.02 -14.83
N THR A 28 8.17 -7.17 -14.32
CA THR A 28 7.47 -8.43 -14.43
C THR A 28 7.29 -9.06 -13.06
N GLU A 29 6.10 -9.60 -12.79
CA GLU A 29 5.95 -10.37 -11.55
C GLU A 29 5.07 -11.59 -11.84
N SER A 30 5.32 -12.59 -11.04
CA SER A 30 4.73 -13.92 -11.18
C SER A 30 4.18 -14.42 -9.86
N LEU A 31 3.00 -15.05 -9.92
CA LEU A 31 2.44 -15.78 -8.81
C LEU A 31 2.47 -17.29 -9.04
N ALA A 32 3.13 -17.75 -10.11
CA ALA A 32 3.19 -19.16 -10.38
C ALA A 32 4.02 -19.91 -9.32
N GLY A 33 3.60 -21.13 -8.98
CA GLY A 33 4.20 -21.84 -7.87
C GLY A 33 5.68 -22.15 -8.07
N LYS A 34 6.49 -21.76 -7.08
CA LYS A 34 7.93 -21.86 -7.06
C LYS A 34 8.62 -20.81 -7.92
N ARG A 35 7.83 -19.90 -8.52
CA ARG A 35 8.37 -18.76 -9.26
C ARG A 35 7.69 -17.50 -8.80
N GLU A 36 7.50 -17.34 -7.51
CA GLU A 36 6.87 -16.16 -6.94
C GLU A 36 7.98 -15.09 -6.80
N MET A 37 8.16 -14.33 -7.87
CA MET A 37 9.35 -13.51 -8.06
C MET A 37 9.02 -12.27 -8.87
N ALA A 38 9.97 -11.32 -8.91
CA ALA A 38 9.85 -10.19 -9.83
C ALA A 38 11.11 -10.15 -10.65
N ILE A 39 11.01 -9.60 -11.86
CA ILE A 39 12.13 -9.42 -12.78
C ILE A 39 12.02 -8.01 -13.33
N ILE A 40 13.13 -7.26 -13.31
CA ILE A 40 13.14 -5.94 -13.93
C ILE A 40 14.23 -5.90 -14.98
N THR A 41 14.04 -5.04 -15.97
CA THR A 41 15.09 -4.74 -16.93
C THR A 41 15.26 -3.25 -17.11
N PHE A 42 16.40 -2.92 -17.70
CA PHE A 42 16.75 -1.56 -18.12
C PHE A 42 16.96 -1.55 -19.60
N LYS A 43 16.90 -0.36 -20.22
CA LYS A 43 16.93 -0.27 -21.67
C LYS A 43 18.28 -0.68 -22.23
N ASN A 44 19.30 -0.71 -21.39
CA ASN A 44 20.60 -1.25 -21.80
C ASN A 44 20.65 -2.79 -21.88
N GLY A 45 19.56 -3.46 -21.54
CA GLY A 45 19.47 -4.92 -21.56
C GLY A 45 19.66 -5.63 -20.21
N ALA A 46 20.10 -4.90 -19.19
CA ALA A 46 20.39 -5.52 -17.92
C ALA A 46 19.11 -6.03 -17.32
N THR A 47 19.18 -7.25 -16.81
CA THR A 47 18.07 -7.95 -16.20
C THR A 47 18.43 -8.34 -14.77
N PHE A 48 17.49 -8.11 -13.85
CA PHE A 48 17.69 -8.45 -12.44
C PHE A 48 16.46 -9.11 -11.86
N GLN A 49 16.64 -9.93 -10.85
CA GLN A 49 15.50 -10.56 -10.18
C GLN A 49 15.45 -10.16 -8.71
N VAL A 50 14.23 -10.22 -8.18
CA VAL A 50 14.05 -10.42 -6.74
C VAL A 50 13.75 -11.93 -6.59
N GLU A 51 14.62 -12.63 -5.88
CA GLU A 51 14.53 -14.06 -5.77
C GLU A 51 13.27 -14.50 -5.08
N VAL A 52 12.84 -15.71 -5.45
CA VAL A 52 11.82 -16.42 -4.73
C VAL A 52 12.32 -16.61 -3.32
N PRO A 53 11.48 -16.38 -2.30
CA PRO A 53 11.95 -16.62 -0.94
C PRO A 53 12.36 -18.07 -0.75
N GLY A 54 13.49 -18.29 -0.10
CA GLY A 54 14.00 -19.64 0.09
C GLY A 54 14.87 -19.79 1.31
N SER A 55 15.46 -20.96 1.47
CA SER A 55 16.23 -21.28 2.68
C SER A 55 17.54 -20.51 2.77
N GLN A 56 17.92 -19.80 1.71
CA GLN A 56 19.04 -18.83 1.73
C GLN A 56 18.67 -17.50 2.39
N HIS A 57 17.41 -17.39 2.78
CA HIS A 57 16.90 -16.18 3.38
C HIS A 57 16.53 -16.40 4.86
N ILE A 58 16.90 -15.46 5.74
CA ILE A 58 16.53 -15.54 7.17
C ILE A 58 15.21 -14.84 7.37
N ASP A 59 14.58 -15.14 8.52
CA ASP A 59 13.24 -14.65 8.78
C ASP A 59 13.12 -13.14 8.53
N SER A 60 14.09 -12.38 9.02
CA SER A 60 14.07 -10.93 8.85
C SER A 60 14.12 -10.43 7.41
N GLN A 61 14.65 -11.23 6.50
CA GLN A 61 14.64 -10.84 5.10
C GLN A 61 13.30 -11.02 4.41
N LYS A 62 12.41 -11.87 4.94
CA LYS A 62 11.15 -12.15 4.23
C LYS A 62 10.29 -10.90 4.03
N LYS A 63 10.07 -10.09 5.06
CA LYS A 63 9.29 -8.87 4.91
C LYS A 63 10.04 -7.92 3.97
N ALA A 64 11.37 -7.93 4.05
CA ALA A 64 12.16 -7.01 3.22
C ALA A 64 12.09 -7.39 1.73
N ILE A 65 11.99 -8.67 1.44
CA ILE A 65 11.79 -9.13 0.07
C ILE A 65 10.45 -8.65 -0.44
N GLU A 66 9.39 -8.72 0.35
CA GLU A 66 8.11 -8.23 -0.09
C GLU A 66 8.15 -6.71 -0.30
N ARG A 67 8.84 -5.99 0.58
CA ARG A 67 8.97 -4.55 0.41
C ARG A 67 9.70 -4.20 -0.88
N MET A 68 10.74 -4.96 -1.20
CA MET A 68 11.52 -4.65 -2.40
C MET A 68 10.66 -4.77 -3.67
N LYS A 69 9.82 -5.81 -3.74
CA LYS A 69 8.95 -5.92 -4.89
C LYS A 69 7.95 -4.76 -4.94
N ASP A 70 7.45 -4.30 -3.79
CA ASP A 70 6.61 -3.11 -3.72
C ASP A 70 7.36 -1.88 -4.27
N THR A 71 8.62 -1.75 -3.86
CA THR A 71 9.44 -0.62 -4.28
C THR A 71 9.69 -0.63 -5.79
N LEU A 72 10.03 -1.79 -6.36
CA LEU A 72 10.31 -1.87 -7.77
C LEU A 72 9.06 -1.56 -8.57
N ARG A 73 7.90 -2.04 -8.13
CA ARG A 73 6.68 -1.79 -8.89
C ARG A 73 6.38 -0.30 -8.92
N ILE A 74 6.45 0.38 -7.77
CA ILE A 74 6.10 1.79 -7.75
C ILE A 74 7.20 2.66 -8.39
N ALA A 75 8.45 2.25 -8.30
CA ALA A 75 9.50 2.91 -9.06
C ALA A 75 9.26 2.81 -10.55
N TYR A 76 8.87 1.63 -11.02
CA TYR A 76 8.57 1.46 -12.43
C TYR A 76 7.44 2.37 -12.83
N LEU A 77 6.35 2.38 -12.07
CA LEU A 77 5.14 3.11 -12.49
C LEU A 77 5.33 4.62 -12.44
N THR A 78 6.20 5.10 -11.54
CA THR A 78 6.48 6.54 -11.46
C THR A 78 7.67 6.97 -12.29
N GLU A 79 8.32 6.01 -12.98
CA GLU A 79 9.49 6.33 -13.82
C GLU A 79 10.62 6.92 -12.97
N ALA A 80 10.73 6.46 -11.73
CA ALA A 80 11.79 6.94 -10.85
C ALA A 80 13.15 6.46 -11.35
N LYS A 81 14.13 7.36 -11.39
CA LYS A 81 15.48 6.94 -11.74
C LYS A 81 16.08 6.05 -10.65
N VAL A 82 16.57 4.86 -11.06
CA VAL A 82 17.36 3.99 -10.19
C VAL A 82 18.82 4.39 -10.32
N GLU A 83 19.44 4.74 -9.21
CA GLU A 83 20.84 5.09 -9.21
C GLU A 83 21.68 3.81 -9.33
N LYS A 84 21.69 3.02 -8.26
CA LYS A 84 22.46 1.79 -8.18
C LYS A 84 21.65 0.62 -7.67
N LEU A 85 22.08 -0.58 -8.07
CA LEU A 85 21.65 -1.84 -7.46
C LEU A 85 22.86 -2.57 -6.88
N CYS A 86 22.69 -3.08 -5.66
CA CYS A 86 23.60 -4.06 -5.10
C CYS A 86 22.99 -5.41 -5.38
N VAL A 87 23.75 -6.30 -6.01
CA VAL A 87 23.26 -7.60 -6.40
C VAL A 87 24.19 -8.72 -5.99
N TRP A 88 23.62 -9.91 -5.76
CA TRP A 88 24.40 -11.14 -5.72
C TRP A 88 24.63 -11.62 -7.14
N ASN A 89 25.91 -11.83 -7.45
CA ASN A 89 26.32 -12.22 -8.79
C ASN A 89 26.55 -13.72 -8.90
N ASN A 90 26.17 -14.47 -7.87
CA ASN A 90 26.19 -15.93 -7.95
C ASN A 90 24.78 -16.50 -8.29
N LYS A 91 23.93 -15.63 -8.85
CA LYS A 91 22.61 -16.01 -9.34
C LYS A 91 22.43 -15.40 -10.74
N THR A 92 21.63 -16.04 -11.59
CA THR A 92 21.23 -15.45 -12.88
C THR A 92 19.72 -15.51 -13.01
N PRO A 93 19.06 -14.41 -13.32
CA PRO A 93 19.64 -13.05 -13.34
C PRO A 93 20.27 -12.68 -11.98
N HIS A 94 21.17 -11.70 -11.97
CA HIS A 94 21.74 -11.23 -10.71
C HIS A 94 20.56 -10.87 -9.80
N ALA A 95 20.71 -11.16 -8.52
CA ALA A 95 19.65 -11.04 -7.57
C ALA A 95 19.82 -9.77 -6.73
N ILE A 96 18.75 -8.99 -6.62
CA ILE A 96 18.80 -7.71 -5.95
C ILE A 96 18.90 -7.88 -4.44
N ALA A 97 19.91 -7.20 -3.87
CA ALA A 97 20.10 -7.10 -2.42
C ALA A 97 19.71 -5.73 -1.90
N ALA A 98 19.92 -4.71 -2.72
CA ALA A 98 19.62 -3.34 -2.32
C ALA A 98 19.44 -2.43 -3.54
N ILE A 99 18.73 -1.31 -3.36
CA ILE A 99 18.49 -0.33 -4.42
C ILE A 99 18.70 1.02 -3.84
N SER A 100 19.24 1.91 -4.67
CA SER A 100 19.25 3.34 -4.36
C SER A 100 18.58 4.09 -5.50
N MET A 101 17.82 5.10 -5.11
CA MET A 101 17.13 5.96 -6.05
C MET A 101 17.58 7.40 -5.79
N ALA A 102 17.95 8.11 -6.86
CA ALA A 102 18.40 9.48 -6.82
C ALA A 102 18.36 9.96 -8.27
N ASN A 103 18.35 11.26 -8.43
CA ASN A 103 18.48 11.87 -9.77
C ASN A 103 19.91 12.11 -10.20
N THR B 1 -1.05 13.39 25.18
CA THR B 1 -0.08 13.10 24.09
C THR B 1 0.58 14.36 23.58
N PRO B 2 1.78 14.25 23.02
CA PRO B 2 2.45 15.41 22.44
C PRO B 2 1.67 15.94 21.25
N GLN B 3 1.79 17.26 21.04
CA GLN B 3 1.07 17.93 19.98
C GLN B 3 1.92 18.14 18.74
N ASN B 4 3.22 17.91 18.83
CA ASN B 4 4.12 18.13 17.71
C ASN B 4 5.39 17.30 17.85
N ILE B 5 6.17 17.21 16.78
CA ILE B 5 7.36 16.38 16.76
C ILE B 5 8.43 16.81 17.76
N THR B 6 8.53 18.10 18.03
CA THR B 6 9.59 18.59 18.90
C THR B 6 9.31 18.16 20.33
N ASP B 7 8.08 18.31 20.76
CA ASP B 7 7.68 17.91 22.09
C ASP B 7 7.77 16.39 22.24
N LEU B 8 7.37 15.65 21.21
CA LEU B 8 7.45 14.21 21.24
C LEU B 8 8.91 13.78 21.39
N CYS B 9 9.78 14.37 20.60
CA CYS B 9 11.20 14.02 20.58
C CYS B 9 11.84 14.23 21.93
N ALA B 10 11.41 15.31 22.61
CA ALA B 10 11.94 15.68 23.91
C ALA B 10 11.60 14.70 25.03
N GLU B 11 10.67 13.79 24.77
CA GLU B 11 10.28 12.79 25.77
C GLU B 11 11.28 11.65 25.92
N TYR B 12 12.28 11.62 25.03
CA TYR B 12 13.27 10.54 24.94
C TYR B 12 14.69 11.07 25.14
N HIS B 13 15.53 10.22 25.69
CA HIS B 13 16.95 10.48 25.79
C HIS B 13 17.65 10.16 24.49
N ASN B 14 18.80 10.81 24.29
CA ASN B 14 19.65 10.58 23.11
C ASN B 14 18.98 10.92 21.81
N THR B 15 18.09 11.91 21.82
CA THR B 15 17.47 12.38 20.59
C THR B 15 17.77 13.82 20.32
N GLN B 16 17.54 14.20 19.06
CA GLN B 16 17.59 15.59 18.66
C GLN B 16 16.69 15.75 17.44
N ILE B 17 16.25 16.99 17.23
CA ILE B 17 15.54 17.41 16.05
C ILE B 17 16.57 17.93 15.05
N HIS B 18 16.46 17.43 13.82
CA HIS B 18 17.07 18.06 12.65
C HIS B 18 15.94 18.73 11.84
N THR B 19 16.17 19.98 11.44
CA THR B 19 15.24 20.69 10.59
C THR B 19 15.78 20.67 9.16
N LEU B 20 15.00 20.09 8.24
CA LEU B 20 15.43 19.95 6.86
C LEU B 20 14.72 20.94 5.97
N ASN B 21 13.40 21.01 6.08
CA ASN B 21 12.59 21.83 5.17
C ASN B 21 13.00 21.63 3.70
N ASP B 22 13.06 20.36 3.31
CA ASP B 22 13.54 19.99 1.99
C ASP B 22 13.03 18.60 1.66
N LYS B 23 12.94 18.32 0.37
CA LYS B 23 12.60 16.97 -0.09
C LYS B 23 13.81 16.06 0.09
N ILE B 24 13.56 14.76 0.07
CA ILE B 24 14.59 13.77 0.20
C ILE B 24 15.38 13.70 -1.13
N PHE B 25 16.72 13.67 -1.03
CA PHE B 25 17.62 13.64 -2.19
C PHE B 25 17.83 12.22 -2.71
N SER B 26 17.95 11.25 -1.82
CA SER B 26 18.09 9.86 -2.25
C SER B 26 17.43 8.94 -1.24
N TYR B 27 16.97 7.80 -1.74
CA TYR B 27 16.31 6.77 -0.96
C TYR B 27 16.98 5.46 -1.29
N THR B 28 17.42 4.76 -0.25
CA THR B 28 18.09 3.43 -0.37
C THR B 28 17.39 2.42 0.53
N GLU B 29 17.15 1.23 0.00
CA GLU B 29 16.67 0.16 0.88
C GLU B 29 17.32 -1.16 0.56
N SER B 30 17.47 -1.99 1.59
CA SER B 30 18.21 -3.23 1.54
C SER B 30 17.39 -4.37 2.11
N LEU B 31 17.45 -5.52 1.44
CA LEU B 31 16.89 -6.77 1.93
C LEU B 31 17.98 -7.75 2.37
N ALA B 32 19.24 -7.31 2.31
CA ALA B 32 20.38 -8.16 2.71
C ALA B 32 20.30 -8.52 4.20
N GLY B 33 20.65 -9.77 4.51
CA GLY B 33 20.49 -10.30 5.86
C GLY B 33 21.26 -9.48 6.88
N LYS B 34 20.56 -9.07 7.95
CA LYS B 34 21.10 -8.23 9.03
C LYS B 34 21.27 -6.77 8.63
N ARG B 35 20.90 -6.38 7.40
CA ARG B 35 20.89 -5.00 6.99
C ARG B 35 19.56 -4.69 6.31
N GLU B 36 18.46 -5.15 6.90
CA GLU B 36 17.14 -4.89 6.38
C GLU B 36 16.72 -3.53 6.89
N MET B 37 17.09 -2.51 6.12
CA MET B 37 17.06 -1.10 6.52
C MET B 37 16.82 -0.18 5.36
N ALA B 38 16.52 1.05 5.70
CA ALA B 38 16.45 2.10 4.75
C ALA B 38 17.40 3.22 5.15
N ILE B 39 17.90 3.94 4.13
CA ILE B 39 18.78 5.07 4.33
C ILE B 39 18.30 6.19 3.42
N ILE B 40 18.16 7.40 3.96
CA ILE B 40 17.84 8.57 3.14
C ILE B 40 18.92 9.61 3.28
N THR B 41 19.04 10.43 2.25
CA THR B 41 19.89 11.62 2.36
C THR B 41 19.18 12.82 1.86
N PHE B 42 19.71 13.96 2.27
CA PHE B 42 19.27 15.26 1.81
C PHE B 42 20.42 15.93 1.03
N LYS B 43 20.10 16.96 0.26
CA LYS B 43 21.12 17.58 -0.60
C LYS B 43 22.22 18.29 0.20
N ASN B 44 21.96 18.62 1.46
CA ASN B 44 22.95 19.18 2.37
C ASN B 44 23.95 18.14 2.88
N GLY B 45 23.79 16.90 2.44
CA GLY B 45 24.69 15.81 2.85
C GLY B 45 24.21 15.00 4.04
N ALA B 46 23.14 15.45 4.71
CA ALA B 46 22.67 14.75 5.88
C ALA B 46 22.14 13.38 5.50
N THR B 47 22.53 12.39 6.31
CA THR B 47 22.14 11.01 6.08
C THR B 47 21.46 10.45 7.32
N PHE B 48 20.37 9.72 7.12
CA PHE B 48 19.59 9.12 8.21
C PHE B 48 19.20 7.70 7.86
N GLN B 49 18.99 6.87 8.87
CA GLN B 49 18.56 5.48 8.67
C GLN B 49 17.24 5.20 9.38
N VAL B 50 16.52 4.20 8.89
CA VAL B 50 15.57 3.51 9.72
C VAL B 50 16.29 2.23 10.11
N GLU B 51 16.48 2.04 11.41
CA GLU B 51 17.24 0.91 11.90
C GLU B 51 16.65 -0.43 11.53
N VAL B 52 17.53 -1.40 11.43
CA VAL B 52 17.16 -2.81 11.39
C VAL B 52 16.41 -3.11 12.68
N PRO B 53 15.26 -3.78 12.60
CA PRO B 53 14.55 -4.14 13.83
C PRO B 53 15.47 -4.99 14.72
N GLY B 54 15.55 -4.64 16.00
CA GLY B 54 16.38 -5.37 16.95
C GLY B 54 15.84 -5.43 18.37
N SER B 55 16.66 -5.97 19.28
CA SER B 55 16.19 -6.20 20.63
C SER B 55 15.98 -4.91 21.41
N GLN B 56 16.48 -3.78 20.89
CA GLN B 56 16.21 -2.47 21.50
C GLN B 56 14.75 -2.04 21.26
N HIS B 57 14.11 -2.59 20.23
CA HIS B 57 12.76 -2.22 19.90
C HIS B 57 11.74 -3.06 20.68
N ILE B 58 10.64 -2.43 21.06
CA ILE B 58 9.58 -3.18 21.73
C ILE B 58 8.57 -3.65 20.69
N ASP B 59 7.69 -4.57 21.04
CA ASP B 59 6.80 -5.16 20.05
C ASP B 59 5.98 -4.16 19.30
N SER B 60 5.46 -3.16 20.01
CA SER B 60 4.61 -2.14 19.41
C SER B 60 5.33 -1.31 18.35
N GLN B 61 6.66 -1.32 18.35
CA GLN B 61 7.39 -0.52 17.38
C GLN B 61 7.50 -1.25 16.02
N LYS B 62 7.31 -2.57 15.97
CA LYS B 62 7.60 -3.31 14.72
C LYS B 62 6.78 -2.80 13.52
N LYS B 63 5.47 -2.66 13.70
CA LYS B 63 4.61 -2.15 12.62
C LYS B 63 4.98 -0.73 12.29
N ALA B 64 5.36 0.05 13.31
CA ALA B 64 5.69 1.46 13.07
C ALA B 64 6.99 1.62 12.29
N ILE B 65 7.97 0.73 12.50
CA ILE B 65 9.18 0.73 11.70
C ILE B 65 8.84 0.48 10.24
N GLU B 66 8.02 -0.55 9.98
CA GLU B 66 7.62 -0.80 8.61
C GLU B 66 6.88 0.40 8.00
N ARG B 67 5.99 1.04 8.76
CA ARG B 67 5.27 2.20 8.28
C ARG B 67 6.24 3.30 7.92
N MET B 68 7.24 3.54 8.77
CA MET B 68 8.17 4.62 8.49
C MET B 68 8.90 4.43 7.17
N LYS B 69 9.31 3.20 6.87
CA LYS B 69 9.94 2.95 5.58
C LYS B 69 8.96 3.19 4.43
N ASP B 70 7.70 2.81 4.61
CA ASP B 70 6.67 3.14 3.63
C ASP B 70 6.59 4.65 3.42
N THR B 71 6.58 5.40 4.53
CA THR B 71 6.45 6.85 4.45
C THR B 71 7.63 7.50 3.73
N LEU B 72 8.85 7.05 4.05
CA LEU B 72 10.03 7.65 3.42
C LEU B 72 10.05 7.37 1.91
N ARG B 73 9.65 6.16 1.50
CA ARG B 73 9.62 5.84 0.08
C ARG B 73 8.65 6.73 -0.65
N ILE B 74 7.41 6.86 -0.14
CA ILE B 74 6.44 7.66 -0.86
C ILE B 74 6.74 9.17 -0.75
N ALA B 75 7.32 9.61 0.36
CA ALA B 75 7.76 10.98 0.44
C ALA B 75 8.81 11.27 -0.65
N TYR B 76 9.77 10.37 -0.76
CA TYR B 76 10.80 10.51 -1.75
C TYR B 76 10.19 10.60 -3.14
N LEU B 77 9.31 9.65 -3.48
CA LEU B 77 8.77 9.59 -4.85
C LEU B 77 7.83 10.72 -5.20
N THR B 78 7.20 11.32 -4.21
CA THR B 78 6.33 12.47 -4.43
C THR B 78 7.03 13.82 -4.23
N GLU B 79 8.30 13.79 -3.85
CA GLU B 79 9.08 15.01 -3.61
C GLU B 79 8.44 15.86 -2.49
N ALA B 80 7.89 15.18 -1.49
CA ALA B 80 7.28 15.88 -0.38
C ALA B 80 8.37 16.54 0.48
N LYS B 81 8.13 17.77 0.89
CA LYS B 81 9.06 18.42 1.82
C LYS B 81 8.96 17.78 3.22
N VAL B 82 10.13 17.43 3.71
CA VAL B 82 10.33 17.00 5.07
C VAL B 82 10.64 18.22 5.91
N GLU B 83 9.80 18.45 6.92
CA GLU B 83 10.01 19.57 7.85
C GLU B 83 11.14 19.19 8.83
N LYS B 84 10.87 18.28 9.74
CA LYS B 84 11.79 17.87 10.76
C LYS B 84 11.89 16.34 10.85
N LEU B 85 13.04 15.88 11.33
CA LEU B 85 13.22 14.51 11.83
C LEU B 85 13.62 14.55 13.27
N CYS B 86 12.97 13.71 14.07
CA CYS B 86 13.44 13.35 15.41
C CYS B 86 14.29 12.12 15.23
N VAL B 87 15.52 12.16 15.70
CA VAL B 87 16.45 11.05 15.55
C VAL B 87 17.12 10.72 16.85
N TRP B 88 17.52 9.47 16.97
CA TRP B 88 18.49 9.07 17.98
C TRP B 88 19.89 9.34 17.45
N ASN B 89 20.66 10.08 18.24
CA ASN B 89 21.99 10.51 17.83
C ASN B 89 23.09 9.67 18.45
N ASN B 90 22.71 8.53 19.02
CA ASN B 90 23.68 7.54 19.47
C ASN B 90 23.85 6.39 18.47
N LYS B 91 23.45 6.66 17.23
CA LYS B 91 23.63 5.71 16.13
C LYS B 91 24.21 6.47 14.96
N THR B 92 24.89 5.75 14.08
CA THR B 92 25.44 6.31 12.84
C THR B 92 24.99 5.46 11.67
N PRO B 93 24.30 6.02 10.67
CA PRO B 93 23.75 7.38 10.66
C PRO B 93 22.71 7.54 11.76
N HIS B 94 22.39 8.79 12.10
CA HIS B 94 21.34 9.04 13.08
C HIS B 94 20.08 8.25 12.67
N ALA B 95 19.36 7.72 13.66
CA ALA B 95 18.27 6.79 13.45
C ALA B 95 16.94 7.50 13.64
N ILE B 96 16.07 7.40 12.64
CA ILE B 96 14.80 8.08 12.67
C ILE B 96 13.86 7.52 13.70
N ALA B 97 13.35 8.42 14.55
CA ALA B 97 12.29 8.15 15.49
C ALA B 97 10.93 8.71 15.05
N ALA B 98 10.96 9.86 14.39
CA ALA B 98 9.74 10.52 13.95
C ALA B 98 10.04 11.44 12.79
N ILE B 99 9.01 11.74 12.01
CA ILE B 99 9.09 12.61 10.84
C ILE B 99 7.90 13.56 10.86
N SER B 100 8.12 14.83 10.48
CA SER B 100 7.04 15.72 10.17
C SER B 100 7.20 16.23 8.75
N MET B 101 6.06 16.39 8.10
CA MET B 101 5.97 16.92 6.76
C MET B 101 5.05 18.10 6.75
N ALA B 102 5.51 19.20 6.14
CA ALA B 102 4.73 20.41 6.01
C ALA B 102 5.31 21.14 4.81
N ASN B 103 4.42 21.83 4.11
CA ASN B 103 4.73 22.71 2.96
C ASN B 103 5.26 21.93 1.74
N THR C 1 -26.73 0.36 9.74
CA THR C 1 -25.47 1.12 9.91
C THR C 1 -25.69 2.58 9.67
N PRO C 2 -24.84 3.42 10.23
CA PRO C 2 -24.95 4.87 9.99
C PRO C 2 -24.71 5.19 8.52
N GLN C 3 -25.36 6.24 8.03
CA GLN C 3 -25.22 6.59 6.63
C GLN C 3 -24.17 7.66 6.38
N ASN C 4 -23.67 8.25 7.46
CA ASN C 4 -22.69 9.34 7.37
C ASN C 4 -21.91 9.47 8.68
N ILE C 5 -20.84 10.22 8.63
CA ILE C 5 -19.93 10.37 9.76
C ILE C 5 -20.58 11.04 10.99
N THR C 6 -21.52 11.95 10.75
CA THR C 6 -22.15 12.65 11.86
C THR C 6 -23.01 11.68 12.70
N ASP C 7 -23.79 10.84 12.05
CA ASP C 7 -24.62 9.86 12.73
C ASP C 7 -23.76 8.76 13.39
N LEU C 8 -22.68 8.33 12.72
CA LEU C 8 -21.78 7.38 13.31
C LEU C 8 -21.19 7.95 14.60
N CYS C 9 -20.72 9.19 14.50
CA CYS C 9 -20.06 9.86 15.62
C CYS C 9 -20.98 9.93 16.84
N ALA C 10 -22.25 10.20 16.59
CA ALA C 10 -23.24 10.34 17.66
C ALA C 10 -23.57 9.03 18.39
N GLU C 11 -23.16 7.89 17.83
CA GLU C 11 -23.40 6.60 18.49
C GLU C 11 -22.49 6.39 19.69
N TYR C 12 -21.49 7.26 19.84
CA TYR C 12 -20.43 7.12 20.85
C TYR C 12 -20.44 8.20 21.90
N HIS C 13 -20.09 7.81 23.12
CA HIS C 13 -19.86 8.78 24.17
C HIS C 13 -18.55 9.51 23.96
N ASN C 14 -18.52 10.78 24.39
CA ASN C 14 -17.31 11.58 24.43
C ASN C 14 -16.74 11.90 23.07
N THR C 15 -17.62 12.12 22.09
CA THR C 15 -17.20 12.50 20.76
C THR C 15 -17.83 13.80 20.32
N GLN C 16 -17.22 14.35 19.28
CA GLN C 16 -17.80 15.46 18.57
C GLN C 16 -17.29 15.45 17.13
N ILE C 17 -18.02 16.17 16.27
CA ILE C 17 -17.61 16.40 14.90
C ILE C 17 -16.89 17.75 14.82
N HIS C 18 -15.77 17.74 14.10
CA HIS C 18 -15.12 18.96 13.65
C HIS C 18 -15.27 19.02 12.15
N THR C 19 -15.70 20.18 11.66
CA THR C 19 -15.85 20.41 10.23
C THR C 19 -14.70 21.29 9.75
N LEU C 20 -13.85 20.75 8.90
CA LEU C 20 -12.64 21.41 8.44
C LEU C 20 -12.78 21.95 7.05
N ASN C 21 -13.29 21.14 6.14
CA ASN C 21 -13.34 21.49 4.72
C ASN C 21 -12.03 22.10 4.22
N ASP C 22 -10.94 21.39 4.51
CA ASP C 22 -9.60 21.86 4.20
C ASP C 22 -8.64 20.70 4.13
N LYS C 23 -7.56 20.89 3.38
CA LYS C 23 -6.52 19.89 3.31
C LYS C 23 -5.71 19.92 4.60
N ILE C 24 -5.01 18.82 4.86
CA ILE C 24 -4.14 18.73 6.00
C ILE C 24 -2.90 19.61 5.82
N PHE C 25 -2.57 20.39 6.85
CA PHE C 25 -1.43 21.31 6.80
C PHE C 25 -0.11 20.60 7.11
N SER C 26 -0.12 19.71 8.10
CA SER C 26 1.06 18.94 8.43
C SER C 26 0.71 17.55 8.89
N TYR C 27 1.64 16.64 8.63
CA TYR C 27 1.51 15.22 8.97
C TYR C 27 2.77 14.81 9.71
N THR C 28 2.61 14.22 10.89
CA THR C 28 3.69 13.75 11.72
C THR C 28 3.44 12.29 12.11
N GLU C 29 4.47 11.48 12.02
CA GLU C 29 4.35 10.13 12.52
C GLU C 29 5.63 9.72 13.27
N SER C 30 5.42 8.86 14.26
CA SER C 30 6.46 8.41 15.19
C SER C 30 6.47 6.91 15.32
N LEU C 31 7.67 6.34 15.37
CA LEU C 31 7.89 4.95 15.70
C LEU C 31 8.50 4.78 17.08
N ALA C 32 8.66 5.89 17.82
CA ALA C 32 9.25 5.78 19.17
C ALA C 32 8.37 5.00 20.13
N GLY C 33 9.02 4.21 21.00
CA GLY C 33 8.35 3.30 21.91
C GLY C 33 7.34 4.04 22.78
N LYS C 34 6.10 3.57 22.70
CA LYS C 34 4.94 4.09 23.44
C LYS C 34 4.36 5.37 22.88
N ARG C 35 4.93 5.82 21.78
CA ARG C 35 4.44 6.97 20.98
C ARG C 35 4.33 6.59 19.51
N GLU C 36 3.83 5.38 19.27
CA GLU C 36 3.62 4.91 17.89
C GLU C 36 2.29 5.46 17.40
N MET C 37 2.36 6.67 16.87
CA MET C 37 1.17 7.51 16.60
C MET C 37 1.38 8.42 15.41
N ALA C 38 0.30 9.04 14.98
CA ALA C 38 0.34 10.09 14.00
C ALA C 38 -0.35 11.32 14.58
N ILE C 39 0.10 12.48 14.11
CA ILE C 39 -0.48 13.76 14.47
C ILE C 39 -0.68 14.53 13.17
N ILE C 40 -1.85 15.14 13.01
CA ILE C 40 -2.10 16.03 11.91
C ILE C 40 -2.53 17.41 12.40
N THR C 41 -2.26 18.43 11.57
CA THR C 41 -2.77 19.77 11.89
C THR C 41 -3.38 20.37 10.66
N PHE C 42 -4.23 21.36 10.90
CA PHE C 42 -4.82 22.18 9.85
C PHE C 42 -4.32 23.59 10.01
N LYS C 43 -4.45 24.38 8.95
CA LYS C 43 -3.90 25.72 8.99
C LYS C 43 -4.59 26.61 10.02
N ASN C 44 -5.81 26.27 10.43
CA ASN C 44 -6.48 27.02 11.49
C ASN C 44 -5.92 26.71 12.89
N GLY C 45 -4.91 25.84 12.96
CA GLY C 45 -4.28 25.48 14.22
C GLY C 45 -4.78 24.17 14.83
N ALA C 46 -5.90 23.66 14.35
CA ALA C 46 -6.47 22.47 14.94
C ALA C 46 -5.50 21.29 14.77
N THR C 47 -5.32 20.52 15.85
CA THR C 47 -4.40 19.42 15.92
C THR C 47 -5.17 18.18 16.37
N PHE C 48 -4.87 17.05 15.75
CA PHE C 48 -5.52 15.77 16.02
C PHE C 48 -4.50 14.65 16.03
N GLN C 49 -4.80 13.62 16.80
CA GLN C 49 -3.98 12.43 16.85
C GLN C 49 -4.72 11.19 16.40
N VAL C 50 -3.96 10.24 15.90
CA VAL C 50 -4.39 8.84 15.91
C VAL C 50 -3.68 8.24 17.11
N GLU C 51 -4.48 7.81 18.09
CA GLU C 51 -3.94 7.30 19.34
C GLU C 51 -3.07 6.06 19.14
N VAL C 52 -2.08 5.93 20.01
CA VAL C 52 -1.29 4.72 20.18
C VAL C 52 -2.25 3.57 20.53
N PRO C 53 -2.15 2.43 19.85
CA PRO C 53 -3.02 1.30 20.18
C PRO C 53 -2.83 0.94 21.64
N GLY C 54 -3.93 0.88 22.38
CA GLY C 54 -3.89 0.50 23.78
C GLY C 54 -5.04 -0.38 24.21
N SER C 55 -5.19 -0.53 25.52
CA SER C 55 -6.17 -1.46 26.05
C SER C 55 -7.61 -0.93 25.98
N GLN C 56 -7.78 0.35 25.71
CA GLN C 56 -9.11 0.90 25.40
C GLN C 56 -9.66 0.37 24.07
N HIS C 57 -8.78 -0.10 23.21
CA HIS C 57 -9.17 -0.52 21.86
C HIS C 57 -9.49 -2.01 21.84
N ILE C 58 -10.54 -2.40 21.12
CA ILE C 58 -10.84 -3.80 20.93
C ILE C 58 -10.08 -4.33 19.71
N ASP C 59 -9.98 -5.65 19.57
CA ASP C 59 -9.07 -6.18 18.54
C ASP C 59 -9.47 -5.73 17.14
N SER C 60 -10.76 -5.64 16.87
CA SER C 60 -11.22 -5.26 15.52
C SER C 60 -10.74 -3.85 15.14
N GLN C 61 -10.46 -3.01 16.13
CA GLN C 61 -9.97 -1.66 15.86
C GLN C 61 -8.51 -1.59 15.44
N LYS C 62 -7.72 -2.62 15.75
CA LYS C 62 -6.27 -2.58 15.48
C LYS C 62 -5.94 -2.37 13.99
N LYS C 63 -6.55 -3.17 13.13
CA LYS C 63 -6.35 -3.01 11.69
C LYS C 63 -6.88 -1.62 11.24
N ALA C 64 -7.97 -1.19 11.86
CA ALA C 64 -8.57 0.07 11.45
C ALA C 64 -7.73 1.28 11.86
N ILE C 65 -7.04 1.19 12.99
CA ILE C 65 -6.10 2.23 13.39
C ILE C 65 -4.96 2.33 12.36
N GLU C 66 -4.42 1.18 11.94
CA GLU C 66 -3.37 1.21 10.92
C GLU C 66 -3.88 1.80 9.60
N ARG C 67 -5.09 1.41 9.21
CA ARG C 67 -5.69 1.97 8.01
C ARG C 67 -5.83 3.49 8.10
N MET C 68 -6.29 3.99 9.25
CA MET C 68 -6.48 5.44 9.43
C MET C 68 -5.18 6.21 9.22
N LYS C 69 -4.08 5.69 9.75
CA LYS C 69 -2.78 6.35 9.55
C LYS C 69 -2.37 6.32 8.05
N ASP C 70 -2.70 5.23 7.35
CA ASP C 70 -2.45 5.11 5.94
C ASP C 70 -3.25 6.18 5.23
N THR C 71 -4.52 6.33 5.61
CA THR C 71 -5.40 7.32 4.98
C THR C 71 -4.92 8.74 5.18
N LEU C 72 -4.51 9.08 6.39
CA LEU C 72 -4.09 10.45 6.67
C LEU C 72 -2.82 10.78 5.87
N ARG C 73 -1.90 9.85 5.77
CA ARG C 73 -0.67 10.07 5.01
C ARG C 73 -0.99 10.38 3.55
N ILE C 74 -1.80 9.53 2.92
CA ILE C 74 -2.10 9.73 1.51
C ILE C 74 -3.00 10.92 1.29
N ALA C 75 -3.92 11.21 2.21
CA ALA C 75 -4.68 12.46 2.12
C ALA C 75 -3.76 13.67 2.19
N TYR C 76 -2.80 13.67 3.11
CA TYR C 76 -1.85 14.77 3.20
C TYR C 76 -1.06 14.94 1.89
N LEU C 77 -0.52 13.85 1.35
CA LEU C 77 0.37 13.92 0.19
C LEU C 77 -0.38 14.31 -1.08
N THR C 78 -1.67 14.00 -1.16
CA THR C 78 -2.49 14.33 -2.32
C THR C 78 -3.24 15.67 -2.17
N GLU C 79 -3.11 16.28 -1.00
CA GLU C 79 -3.82 17.52 -0.72
C GLU C 79 -5.35 17.34 -0.78
N ALA C 80 -5.82 16.16 -0.38
CA ALA C 80 -7.24 15.91 -0.34
C ALA C 80 -7.93 16.75 0.73
N LYS C 81 -9.05 17.36 0.36
CA LYS C 81 -9.84 18.12 1.33
C LYS C 81 -10.47 17.15 2.34
N VAL C 82 -10.25 17.42 3.63
CA VAL C 82 -10.92 16.69 4.69
C VAL C 82 -12.20 17.47 5.00
N GLU C 83 -13.33 16.78 4.95
CA GLU C 83 -14.61 17.40 5.25
C GLU C 83 -14.78 17.47 6.76
N LYS C 84 -14.94 16.31 7.39
CA LYS C 84 -15.12 16.23 8.83
C LYS C 84 -14.24 15.17 9.48
N LEU C 85 -13.96 15.40 10.78
CA LEU C 85 -13.43 14.39 11.67
C LEU C 85 -14.40 14.16 12.81
N CYS C 86 -14.67 12.89 13.12
CA CYS C 86 -15.29 12.49 14.37
C CYS C 86 -14.13 12.20 15.29
N VAL C 87 -14.13 12.85 16.45
CA VAL C 87 -13.06 12.67 17.39
C VAL C 87 -13.58 12.36 18.76
N TRP C 88 -12.79 11.66 19.54
CA TRP C 88 -13.02 11.67 20.98
C TRP C 88 -12.42 12.94 21.57
N ASN C 89 -13.27 13.73 22.20
CA ASN C 89 -12.80 14.97 22.82
C ASN C 89 -12.56 14.86 24.30
N ASN C 90 -12.35 13.63 24.77
CA ASN C 90 -11.83 13.37 26.11
C ASN C 90 -10.33 13.01 26.10
N LYS C 91 -9.65 13.36 25.00
CA LYS C 91 -8.21 13.18 24.82
C LYS C 91 -7.65 14.46 24.27
N THR C 92 -6.37 14.70 24.49
CA THR C 92 -5.66 15.89 23.99
C THR C 92 -4.35 15.44 23.33
N PRO C 93 -4.12 15.76 22.06
CA PRO C 93 -5.11 16.32 21.12
C PRO C 93 -6.32 15.39 20.94
N HIS C 94 -7.41 15.94 20.43
CA HIS C 94 -8.59 15.12 20.17
C HIS C 94 -8.13 13.96 19.30
N ALA C 95 -8.67 12.78 19.61
CA ALA C 95 -8.30 11.53 18.97
C ALA C 95 -9.27 11.14 17.88
N ILE C 96 -8.75 10.84 16.70
CA ILE C 96 -9.59 10.58 15.54
C ILE C 96 -10.31 9.23 15.63
N ALA C 97 -11.63 9.25 15.47
CA ALA C 97 -12.45 8.06 15.38
C ALA C 97 -12.89 7.78 13.95
N ALA C 98 -13.09 8.82 13.17
CA ALA C 98 -13.54 8.67 11.77
C ALA C 98 -13.20 9.93 10.98
N ILE C 99 -13.09 9.73 9.68
CA ILE C 99 -12.82 10.82 8.76
C ILE C 99 -13.77 10.76 7.56
N SER C 100 -14.19 11.93 7.08
CA SER C 100 -14.89 12.00 5.80
C SER C 100 -14.14 12.96 4.89
N MET C 101 -14.12 12.64 3.60
CA MET C 101 -13.46 13.41 2.56
C MET C 101 -14.49 13.67 1.51
N ALA C 102 -14.63 14.94 1.11
CA ALA C 102 -15.53 15.31 0.05
C ALA C 102 -14.98 16.61 -0.49
N ASN C 103 -15.29 16.87 -1.76
CA ASN C 103 -15.22 18.21 -2.38
C ASN C 103 -13.82 18.60 -2.76
N THR D 1 -15.79 -19.36 -13.79
CA THR D 1 -15.85 -18.06 -13.07
C THR D 1 -16.65 -17.07 -13.91
N PRO D 2 -17.30 -16.12 -13.27
CA PRO D 2 -18.03 -15.09 -14.03
C PRO D 2 -17.10 -14.22 -14.83
N GLN D 3 -17.62 -13.73 -15.95
CA GLN D 3 -16.86 -12.88 -16.84
C GLN D 3 -16.94 -11.41 -16.47
N ASN D 4 -17.93 -11.03 -15.67
CA ASN D 4 -18.15 -9.65 -15.36
C ASN D 4 -18.97 -9.54 -14.06
N ILE D 5 -19.08 -8.31 -13.55
CA ILE D 5 -19.70 -8.05 -12.27
C ILE D 5 -21.19 -8.40 -12.29
N THR D 6 -21.86 -8.20 -13.42
CA THR D 6 -23.29 -8.46 -13.45
C THR D 6 -23.58 -9.94 -13.29
N ASP D 7 -22.83 -10.79 -13.98
CA ASP D 7 -22.97 -12.23 -13.85
C ASP D 7 -22.55 -12.71 -12.46
N LEU D 8 -21.48 -12.13 -11.91
CA LEU D 8 -21.08 -12.47 -10.55
C LEU D 8 -22.21 -12.16 -9.57
N CYS D 9 -22.79 -10.98 -9.70
CA CYS D 9 -23.81 -10.53 -8.79
C CYS D 9 -25.03 -11.44 -8.78
N ALA D 10 -25.35 -11.97 -9.94
CA ALA D 10 -26.49 -12.83 -10.12
C ALA D 10 -26.31 -14.19 -9.48
N GLU D 11 -25.10 -14.52 -9.03
CA GLU D 11 -24.88 -15.80 -8.34
C GLU D 11 -25.34 -15.79 -6.89
N TYR D 12 -25.72 -14.61 -6.39
CA TYR D 12 -26.04 -14.43 -4.97
C TYR D 12 -27.48 -13.99 -4.77
N HIS D 13 -28.04 -14.41 -3.65
CA HIS D 13 -29.30 -13.88 -3.16
C HIS D 13 -29.12 -12.50 -2.51
N ASN D 14 -30.20 -11.75 -2.45
CA ASN D 14 -30.24 -10.43 -1.82
C ASN D 14 -29.26 -9.45 -2.46
N THR D 15 -29.05 -9.52 -3.78
CA THR D 15 -28.15 -8.57 -4.45
C THR D 15 -28.83 -7.82 -5.58
N GLN D 16 -28.24 -6.67 -5.92
CA GLN D 16 -28.56 -5.94 -7.11
C GLN D 16 -27.36 -5.16 -7.60
N ILE D 17 -27.42 -4.84 -8.88
CA ILE D 17 -26.46 -3.99 -9.53
C ILE D 17 -26.94 -2.52 -9.53
N HIS D 18 -26.05 -1.63 -9.11
CA HIS D 18 -26.21 -0.20 -9.28
C HIS D 18 -25.23 0.23 -10.36
N THR D 19 -25.71 0.96 -11.35
CA THR D 19 -24.85 1.47 -12.43
C THR D 19 -24.68 2.96 -12.23
N LEU D 20 -23.46 3.36 -11.88
CA LEU D 20 -23.19 4.72 -11.46
C LEU D 20 -22.50 5.47 -12.60
N ASN D 21 -21.51 4.86 -13.26
CA ASN D 21 -20.69 5.61 -14.23
C ASN D 21 -20.30 7.00 -13.77
N ASP D 22 -19.73 7.04 -12.58
CA ASP D 22 -19.35 8.31 -11.93
C ASP D 22 -18.31 8.09 -10.88
N LYS D 23 -17.54 9.14 -10.59
CA LYS D 23 -16.57 9.08 -9.50
C LYS D 23 -17.30 9.14 -8.16
N ILE D 24 -16.60 8.70 -7.12
CA ILE D 24 -17.10 8.78 -5.77
C ILE D 24 -17.14 10.21 -5.28
N PHE D 25 -18.28 10.60 -4.69
CA PHE D 25 -18.48 11.95 -4.19
C PHE D 25 -17.88 12.15 -2.80
N SER D 26 -18.06 11.18 -1.92
CA SER D 26 -17.47 11.21 -0.58
C SER D 26 -17.03 9.85 -0.12
N TYR D 27 -15.97 9.86 0.69
CA TYR D 27 -15.40 8.67 1.26
C TYR D 27 -15.29 8.91 2.76
N THR D 28 -15.83 7.98 3.53
CA THR D 28 -15.79 8.01 4.99
C THR D 28 -15.25 6.69 5.53
N GLU D 29 -14.36 6.74 6.52
CA GLU D 29 -13.92 5.53 7.21
C GLU D 29 -13.81 5.77 8.71
N SER D 30 -14.10 4.70 9.44
CA SER D 30 -14.16 4.71 10.88
C SER D 30 -13.34 3.59 11.51
N LEU D 31 -12.66 3.92 12.61
CA LEU D 31 -11.95 2.96 13.45
C LEU D 31 -12.66 2.75 14.76
N ALA D 32 -13.83 3.37 14.94
CA ALA D 32 -14.56 3.25 16.20
C ALA D 32 -15.05 1.81 16.41
N GLY D 33 -15.01 1.35 17.65
CA GLY D 33 -15.27 -0.04 17.96
C GLY D 33 -16.67 -0.47 17.55
N LYS D 34 -16.74 -1.58 16.81
CA LYS D 34 -17.99 -2.10 16.23
C LYS D 34 -18.52 -1.33 15.02
N ARG D 35 -17.78 -0.32 14.59
CA ARG D 35 -18.11 0.40 13.36
C ARG D 35 -16.83 0.61 12.53
N GLU D 36 -16.01 -0.44 12.42
CA GLU D 36 -14.79 -0.41 11.64
C GLU D 36 -15.21 -0.67 10.21
N MET D 37 -15.47 0.38 9.47
CA MET D 37 -16.20 0.28 8.22
C MET D 37 -15.84 1.46 7.34
N ALA D 38 -16.26 1.37 6.08
CA ALA D 38 -16.20 2.51 5.18
C ALA D 38 -17.60 2.78 4.60
N ILE D 39 -17.84 4.05 4.26
CA ILE D 39 -19.07 4.46 3.63
C ILE D 39 -18.71 5.40 2.46
N ILE D 40 -19.31 5.18 1.30
CA ILE D 40 -19.14 6.09 0.18
C ILE D 40 -20.49 6.60 -0.26
N THR D 41 -20.48 7.79 -0.85
CA THR D 41 -21.64 8.31 -1.56
C THR D 41 -21.27 8.77 -2.91
N PHE D 42 -22.31 8.81 -3.72
CA PHE D 42 -22.25 9.41 -5.03
C PHE D 42 -23.05 10.72 -5.07
N LYS D 43 -22.85 11.55 -6.09
CA LYS D 43 -23.47 12.86 -6.17
C LYS D 43 -24.98 12.76 -6.19
N ASN D 44 -25.51 11.67 -6.74
CA ASN D 44 -26.97 11.38 -6.68
C ASN D 44 -27.53 11.02 -5.27
N GLY D 45 -26.66 10.98 -4.27
CA GLY D 45 -27.06 10.63 -2.91
C GLY D 45 -26.95 9.16 -2.54
N ALA D 46 -26.78 8.28 -3.55
CA ALA D 46 -26.66 6.86 -3.27
C ALA D 46 -25.49 6.60 -2.34
N THR D 47 -25.77 5.81 -1.32
CA THR D 47 -24.85 5.55 -0.23
C THR D 47 -24.61 4.06 -0.10
N PHE D 48 -23.36 3.70 0.14
CA PHE D 48 -22.95 2.27 0.23
C PHE D 48 -21.95 2.09 1.34
N GLN D 49 -21.97 0.90 1.92
CA GLN D 49 -21.01 0.54 2.97
C GLN D 49 -20.14 -0.63 2.58
N VAL D 50 -18.93 -0.66 3.12
CA VAL D 50 -18.25 -1.94 3.34
C VAL D 50 -18.52 -2.36 4.77
N GLU D 51 -19.23 -3.46 4.91
CA GLU D 51 -19.66 -3.90 6.25
C GLU D 51 -18.51 -4.19 7.19
N VAL D 52 -18.76 -3.94 8.46
CA VAL D 52 -17.92 -4.45 9.53
C VAL D 52 -17.81 -5.96 9.37
N PRO D 53 -16.61 -6.54 9.46
CA PRO D 53 -16.52 -8.00 9.46
C PRO D 53 -17.36 -8.64 10.57
N GLY D 54 -18.09 -9.70 10.25
CA GLY D 54 -19.00 -10.32 11.18
C GLY D 54 -19.21 -11.79 10.94
N SER D 55 -20.10 -12.38 11.72
CA SER D 55 -20.42 -13.79 11.67
C SER D 55 -20.91 -14.26 10.33
N GLN D 56 -21.45 -13.35 9.51
CA GLN D 56 -21.94 -13.72 8.18
C GLN D 56 -20.80 -13.99 7.21
N HIS D 57 -19.61 -13.49 7.54
CA HIS D 57 -18.46 -13.56 6.67
C HIS D 57 -17.67 -14.85 6.91
N ILE D 58 -17.14 -15.42 5.82
CA ILE D 58 -16.25 -16.57 5.91
C ILE D 58 -14.78 -16.08 5.87
N ASP D 59 -13.88 -16.95 6.31
CA ASP D 59 -12.47 -16.59 6.46
C ASP D 59 -11.88 -15.97 5.18
N SER D 60 -12.19 -16.59 4.04
CA SER D 60 -11.70 -16.12 2.76
C SER D 60 -12.11 -14.72 2.39
N GLN D 61 -13.12 -14.22 3.05
CA GLN D 61 -13.55 -12.86 2.80
C GLN D 61 -12.79 -11.79 3.59
N LYS D 62 -12.05 -12.16 4.63
CA LYS D 62 -11.44 -11.16 5.47
C LYS D 62 -10.46 -10.29 4.73
N LYS D 63 -9.54 -10.88 3.99
CA LYS D 63 -8.59 -10.05 3.23
C LYS D 63 -9.28 -9.21 2.16
N ALA D 64 -10.33 -9.81 1.58
CA ALA D 64 -11.04 -9.14 0.48
C ALA D 64 -11.81 -7.92 0.99
N ILE D 65 -12.34 -7.96 2.20
CA ILE D 65 -12.96 -6.81 2.82
C ILE D 65 -11.94 -5.69 3.01
N GLU D 66 -10.74 -6.04 3.48
CA GLU D 66 -9.71 -5.01 3.62
C GLU D 66 -9.32 -4.42 2.25
N ARG D 67 -9.18 -5.29 1.27
CA ARG D 67 -8.84 -4.85 -0.05
C ARG D 67 -9.87 -3.89 -0.62
N MET D 68 -11.15 -4.19 -0.40
CA MET D 68 -12.20 -3.30 -0.97
C MET D 68 -12.09 -1.89 -0.37
N LYS D 69 -11.86 -1.78 0.93
CA LYS D 69 -11.68 -0.46 1.52
C LYS D 69 -10.46 0.25 0.94
N ASP D 70 -9.38 -0.48 0.69
CA ASP D 70 -8.20 0.07 0.03
C ASP D 70 -8.63 0.61 -1.37
N THR D 71 -9.37 -0.19 -2.11
CA THR D 71 -9.80 0.16 -3.45
C THR D 71 -10.67 1.43 -3.45
N LEU D 72 -11.64 1.51 -2.53
CA LEU D 72 -12.52 2.68 -2.52
C LEU D 72 -11.76 3.94 -2.19
N ARG D 73 -10.77 3.85 -1.30
CA ARG D 73 -10.03 5.04 -0.91
C ARG D 73 -9.24 5.55 -2.11
N ILE D 74 -8.52 4.66 -2.79
CA ILE D 74 -7.69 5.14 -3.88
C ILE D 74 -8.53 5.52 -5.10
N ALA D 75 -9.66 4.84 -5.32
CA ALA D 75 -10.61 5.28 -6.38
C ALA D 75 -11.10 6.69 -6.07
N TYR D 76 -11.49 6.94 -4.82
CA TYR D 76 -11.94 8.28 -4.42
C TYR D 76 -10.85 9.32 -4.69
N LEU D 77 -9.63 9.07 -4.26
CA LEU D 77 -8.57 10.07 -4.33
C LEU D 77 -8.11 10.33 -5.78
N THR D 78 -8.24 9.33 -6.64
CA THR D 78 -7.85 9.48 -8.04
C THR D 78 -9.00 9.91 -8.95
N GLU D 79 -10.20 10.07 -8.37
CA GLU D 79 -11.40 10.42 -9.17
C GLU D 79 -11.71 9.36 -10.22
N ALA D 80 -11.42 8.10 -9.91
CA ALA D 80 -11.66 7.02 -10.87
C ALA D 80 -13.14 6.84 -11.06
N LYS D 81 -13.61 6.72 -12.28
CA LYS D 81 -15.01 6.43 -12.51
C LYS D 81 -15.36 5.00 -12.07
N VAL D 82 -16.38 4.90 -11.23
CA VAL D 82 -17.00 3.65 -10.87
C VAL D 82 -18.09 3.33 -11.87
N GLU D 83 -17.96 2.18 -12.51
CA GLU D 83 -18.95 1.72 -13.45
C GLU D 83 -20.17 1.15 -12.71
N LYS D 84 -20.01 0.01 -12.05
CA LYS D 84 -21.08 -0.65 -11.32
C LYS D 84 -20.65 -1.08 -9.92
N LEU D 85 -21.62 -1.15 -9.03
CA LEU D 85 -21.49 -1.88 -7.78
C LEU D 85 -22.50 -3.02 -7.70
N CYS D 86 -22.03 -4.19 -7.25
CA CYS D 86 -22.89 -5.29 -6.84
C CYS D 86 -23.00 -5.16 -5.33
N VAL D 87 -24.24 -5.05 -4.85
CA VAL D 87 -24.49 -4.84 -3.42
C VAL D 87 -25.48 -5.82 -2.87
N TRP D 88 -25.35 -6.08 -1.58
CA TRP D 88 -26.40 -6.75 -0.85
C TRP D 88 -27.43 -5.70 -0.41
N ASN D 89 -28.69 -5.93 -0.76
CA ASN D 89 -29.76 -4.97 -0.52
C ASN D 89 -30.62 -5.34 0.69
N ASN D 90 -30.16 -6.32 1.46
CA ASN D 90 -30.77 -6.64 2.76
C ASN D 90 -30.06 -5.94 3.92
N LYS D 91 -29.28 -4.90 3.60
CA LYS D 91 -28.59 -4.07 4.58
C LYS D 91 -28.77 -2.61 4.19
N THR D 92 -28.68 -1.73 5.19
CA THR D 92 -28.72 -0.31 4.94
C THR D 92 -27.55 0.35 5.69
N PRO D 93 -26.72 1.13 5.00
CA PRO D 93 -26.67 1.27 3.54
C PRO D 93 -26.44 -0.08 2.84
N HIS D 94 -26.80 -0.15 1.56
CA HIS D 94 -26.51 -1.35 0.77
C HIS D 94 -25.01 -1.67 0.91
N ALA D 95 -24.71 -2.95 1.07
CA ALA D 95 -23.37 -3.41 1.38
C ALA D 95 -22.66 -3.88 0.11
N ILE D 96 -21.47 -3.37 -0.12
CA ILE D 96 -20.73 -3.68 -1.33
C ILE D 96 -20.20 -5.10 -1.33
N ALA D 97 -20.52 -5.83 -2.40
CA ALA D 97 -20.01 -7.16 -2.70
C ALA D 97 -18.92 -7.13 -3.77
N ALA D 98 -19.06 -6.23 -4.74
CA ALA D 98 -18.10 -6.12 -5.84
C ALA D 98 -18.18 -4.73 -6.49
N ILE D 99 -17.09 -4.31 -7.14
CA ILE D 99 -17.02 -3.04 -7.84
C ILE D 99 -16.38 -3.26 -9.18
N SER D 100 -16.86 -2.52 -10.19
CA SER D 100 -16.19 -2.43 -11.49
C SER D 100 -15.85 -0.98 -11.77
N MET D 101 -14.69 -0.80 -12.39
CA MET D 101 -14.22 0.51 -12.83
C MET D 101 -13.89 0.42 -14.30
N ALA D 102 -14.35 1.39 -15.07
CA ALA D 102 -14.02 1.50 -16.49
C ALA D 102 -14.07 2.98 -16.86
N ASN D 103 -13.29 3.36 -17.90
CA ASN D 103 -13.07 4.76 -18.31
C ASN D 103 -14.38 5.50 -18.45
N THR E 1 17.15 -18.81 -12.74
CA THR E 1 15.77 -18.30 -12.73
C THR E 1 15.46 -17.75 -14.11
N PRO E 2 14.19 -17.60 -14.43
CA PRO E 2 13.79 -17.08 -15.76
C PRO E 2 14.27 -15.65 -16.02
N GLN E 3 14.63 -15.38 -17.26
CA GLN E 3 15.05 -14.06 -17.66
C GLN E 3 13.87 -13.15 -17.99
N ASN E 4 12.71 -13.74 -18.27
CA ASN E 4 11.58 -12.97 -18.76
C ASN E 4 10.29 -13.75 -18.63
N ILE E 5 9.16 -13.09 -18.84
CA ILE E 5 7.85 -13.72 -18.67
C ILE E 5 7.60 -14.92 -19.62
N THR E 6 8.17 -14.84 -20.83
CA THR E 6 7.92 -15.88 -21.81
C THR E 6 8.56 -17.17 -21.35
N ASP E 7 9.82 -17.09 -20.92
CA ASP E 7 10.53 -18.26 -20.41
C ASP E 7 9.91 -18.81 -19.13
N LEU E 8 9.48 -17.90 -18.24
CA LEU E 8 8.82 -18.33 -17.02
C LEU E 8 7.55 -19.10 -17.36
N CYS E 9 6.78 -18.53 -18.28
CA CYS E 9 5.48 -19.09 -18.66
C CYS E 9 5.63 -20.53 -19.19
N ALA E 10 6.72 -20.75 -19.92
CA ALA E 10 6.98 -22.03 -20.57
C ALA E 10 7.37 -23.14 -19.60
N GLU E 11 7.65 -22.80 -18.35
CA GLU E 11 7.95 -23.80 -17.32
C GLU E 11 6.72 -24.55 -16.79
N TYR E 12 5.54 -24.11 -17.19
CA TYR E 12 4.26 -24.63 -16.71
C TYR E 12 3.41 -25.21 -17.84
N HIS E 13 2.59 -26.20 -17.51
CA HIS E 13 1.57 -26.72 -18.41
C HIS E 13 0.32 -25.86 -18.37
N ASN E 14 -0.48 -25.99 -19.40
CA ASN E 14 -1.72 -25.27 -19.54
C ASN E 14 -1.53 -23.76 -19.57
N THR E 15 -0.43 -23.25 -20.10
CA THR E 15 -0.24 -21.79 -20.17
C THR E 15 -0.08 -21.27 -21.57
N GLN E 16 -0.33 -19.99 -21.72
CA GLN E 16 -0.01 -19.27 -22.94
C GLN E 16 0.26 -17.82 -22.61
N ILE E 17 0.97 -17.18 -23.52
CA ILE E 17 1.20 -15.74 -23.50
C ILE E 17 0.18 -14.96 -24.36
N HIS E 18 -0.40 -13.91 -23.80
CA HIS E 18 -1.18 -12.92 -24.52
C HIS E 18 -0.35 -11.68 -24.54
N THR E 19 -0.18 -11.11 -25.73
CA THR E 19 0.55 -9.89 -25.90
C THR E 19 -0.48 -8.83 -26.15
N LEU E 20 -0.52 -7.87 -25.24
CA LEU E 20 -1.55 -6.83 -25.26
C LEU E 20 -0.99 -5.50 -25.72
N ASN E 21 0.16 -5.11 -25.16
CA ASN E 21 0.69 -3.77 -25.41
C ASN E 21 -0.38 -2.68 -25.34
N ASP E 22 -1.15 -2.75 -24.25
CA ASP E 22 -2.25 -1.82 -24.01
C ASP E 22 -2.58 -1.74 -22.50
N LYS E 23 -3.18 -0.62 -22.12
CA LYS E 23 -3.63 -0.43 -20.74
C LYS E 23 -4.88 -1.28 -20.50
N ILE E 24 -5.13 -1.55 -19.23
CA ILE E 24 -6.34 -2.24 -18.84
C ILE E 24 -7.56 -1.37 -19.04
N PHE E 25 -8.61 -1.93 -19.66
CA PHE E 25 -9.83 -1.20 -19.98
C PHE E 25 -10.81 -1.19 -18.78
N SER E 26 -10.90 -2.31 -18.09
CA SER E 26 -11.74 -2.37 -16.88
C SER E 26 -11.16 -3.24 -15.82
N TYR E 27 -11.45 -2.89 -14.56
CA TYR E 27 -10.98 -3.62 -13.40
C TYR E 27 -12.19 -3.87 -12.51
N THR E 28 -12.35 -5.14 -12.13
CA THR E 28 -13.45 -5.58 -11.29
C THR E 28 -12.88 -6.38 -10.10
N GLU E 29 -13.42 -6.16 -8.91
CA GLU E 29 -13.00 -6.84 -7.71
C GLU E 29 -14.21 -7.21 -6.88
N SER E 30 -14.15 -8.43 -6.31
CA SER E 30 -15.24 -9.00 -5.51
C SER E 30 -14.75 -9.52 -4.16
N LEU E 31 -15.54 -9.24 -3.13
CA LEU E 31 -15.34 -9.81 -1.79
C LEU E 31 -16.43 -10.84 -1.47
N ALA E 32 -17.28 -11.13 -2.44
CA ALA E 32 -18.38 -12.07 -2.17
C ALA E 32 -17.80 -13.45 -1.91
N GLY E 33 -18.45 -14.19 -1.01
CA GLY E 33 -17.96 -15.48 -0.55
C GLY E 33 -17.82 -16.49 -1.67
N LYS E 34 -16.64 -17.09 -1.77
CA LYS E 34 -16.26 -18.04 -2.83
C LYS E 34 -16.03 -17.39 -4.18
N ARG E 35 -16.10 -16.08 -4.23
CA ARG E 35 -15.76 -15.33 -5.42
C ARG E 35 -14.85 -14.16 -5.06
N GLU E 36 -13.88 -14.42 -4.19
CA GLU E 36 -12.92 -13.37 -3.80
C GLU E 36 -11.82 -13.31 -4.82
N MET E 37 -12.06 -12.50 -5.85
CA MET E 37 -11.28 -12.52 -7.07
C MET E 37 -11.24 -11.16 -7.72
N ALA E 38 -10.38 -11.03 -8.74
CA ALA E 38 -10.37 -9.84 -9.57
C ALA E 38 -10.53 -10.30 -11.03
N ILE E 39 -11.15 -9.44 -11.82
CA ILE E 39 -11.30 -9.67 -13.26
C ILE E 39 -10.86 -8.40 -13.99
N ILE E 40 -10.09 -8.56 -15.06
CA ILE E 40 -9.74 -7.40 -15.88
C ILE E 40 -10.11 -7.67 -17.32
N THR E 41 -10.41 -6.59 -18.05
CA THR E 41 -10.55 -6.67 -19.49
C THR E 41 -9.70 -5.65 -20.21
N PHE E 42 -9.44 -5.95 -21.47
CA PHE E 42 -8.82 -5.03 -22.38
C PHE E 42 -9.84 -4.52 -23.40
N LYS E 43 -9.51 -3.46 -24.13
CA LYS E 43 -10.49 -2.76 -24.97
C LYS E 43 -11.17 -3.67 -25.96
N ASN E 44 -10.42 -4.61 -26.52
CA ASN E 44 -10.92 -5.57 -27.49
C ASN E 44 -11.93 -6.59 -26.92
N GLY E 45 -11.99 -6.66 -25.61
CA GLY E 45 -12.91 -7.52 -24.87
C GLY E 45 -12.29 -8.68 -24.12
N ALA E 46 -11.03 -8.98 -24.44
CA ALA E 46 -10.38 -10.12 -23.80
C ALA E 46 -10.38 -9.95 -22.28
N THR E 47 -10.70 -11.03 -21.57
CA THR E 47 -11.00 -11.04 -20.13
C THR E 47 -10.11 -12.05 -19.41
N PHE E 48 -9.63 -11.66 -18.24
CA PHE E 48 -8.70 -12.45 -17.46
C PHE E 48 -9.09 -12.34 -16.01
N GLN E 49 -8.82 -13.40 -15.24
CA GLN E 49 -9.06 -13.40 -13.81
C GLN E 49 -7.79 -13.63 -12.99
N VAL E 50 -7.80 -13.10 -11.77
CA VAL E 50 -6.99 -13.64 -10.70
C VAL E 50 -7.86 -14.56 -9.91
N GLU E 51 -7.54 -15.85 -9.96
CA GLU E 51 -8.38 -16.88 -9.35
C GLU E 51 -8.55 -16.70 -7.85
N VAL E 52 -9.71 -17.14 -7.37
CA VAL E 52 -9.91 -17.35 -5.95
C VAL E 52 -8.86 -18.33 -5.42
N PRO E 53 -8.22 -18.03 -4.29
CA PRO E 53 -7.27 -18.99 -3.73
C PRO E 53 -7.94 -20.33 -3.47
N GLY E 54 -7.29 -21.42 -3.88
CA GLY E 54 -7.87 -22.74 -3.74
C GLY E 54 -6.85 -23.84 -3.50
N SER E 55 -7.33 -25.09 -3.57
CA SER E 55 -6.53 -26.27 -3.31
C SER E 55 -5.39 -26.41 -4.29
N GLN E 56 -5.52 -25.85 -5.47
CA GLN E 56 -4.48 -25.96 -6.49
C GLN E 56 -3.25 -25.11 -6.13
N HIS E 57 -3.43 -24.13 -5.26
CA HIS E 57 -2.38 -23.22 -4.89
C HIS E 57 -1.53 -23.72 -3.74
N ILE E 58 -0.22 -23.59 -3.87
CA ILE E 58 0.68 -23.86 -2.76
C ILE E 58 0.83 -22.63 -1.85
N ASP E 59 1.31 -22.86 -0.64
CA ASP E 59 1.24 -21.78 0.36
C ASP E 59 1.98 -20.50 -0.08
N SER E 60 3.11 -20.66 -0.76
CA SER E 60 3.90 -19.52 -1.18
C SER E 60 3.13 -18.65 -2.19
N GLN E 61 2.15 -19.21 -2.86
CA GLN E 61 1.41 -18.44 -3.83
C GLN E 61 0.46 -17.49 -3.19
N LYS E 62 0.07 -17.68 -1.93
CA LYS E 62 -1.00 -16.88 -1.36
C LYS E 62 -0.64 -15.39 -1.30
N LYS E 63 0.58 -15.06 -0.87
CA LYS E 63 0.97 -13.65 -0.81
C LYS E 63 1.11 -13.14 -2.25
N ALA E 64 1.55 -13.96 -3.19
CA ALA E 64 1.73 -13.51 -4.56
C ALA E 64 0.41 -13.22 -5.25
N ILE E 65 -0.62 -14.00 -4.94
CA ILE E 65 -1.97 -13.75 -5.43
C ILE E 65 -2.46 -12.38 -4.94
N GLU E 66 -2.23 -12.07 -3.68
CA GLU E 66 -2.65 -10.75 -3.15
C GLU E 66 -1.87 -9.66 -3.84
N ARG E 67 -0.56 -9.86 -4.04
CA ARG E 67 0.26 -8.85 -4.71
C ARG E 67 -0.25 -8.60 -6.14
N MET E 68 -0.59 -9.68 -6.87
CA MET E 68 -1.04 -9.53 -8.23
C MET E 68 -2.28 -8.64 -8.32
N LYS E 69 -3.24 -8.87 -7.42
CA LYS E 69 -4.41 -8.01 -7.43
C LYS E 69 -4.06 -6.55 -7.13
N ASP E 70 -3.07 -6.34 -6.23
CA ASP E 70 -2.61 -4.98 -5.95
C ASP E 70 -2.01 -4.38 -7.22
N THR E 71 -1.22 -5.17 -7.93
CA THR E 71 -0.60 -4.72 -9.16
C THR E 71 -1.60 -4.38 -10.24
N LEU E 72 -2.62 -5.20 -10.43
CA LEU E 72 -3.62 -4.93 -11.44
C LEU E 72 -4.40 -3.64 -11.16
N ARG E 73 -4.75 -3.42 -9.89
CA ARG E 73 -5.47 -2.22 -9.52
C ARG E 73 -4.62 -0.99 -9.83
N ILE E 74 -3.36 -0.94 -9.39
CA ILE E 74 -2.56 0.27 -9.61
C ILE E 74 -2.20 0.44 -11.08
N ALA E 75 -1.98 -0.66 -11.79
CA ALA E 75 -1.77 -0.56 -13.22
C ALA E 75 -2.99 0.04 -13.92
N TYR E 76 -4.20 -0.39 -13.50
CA TYR E 76 -5.41 0.15 -14.06
C TYR E 76 -5.54 1.66 -13.79
N LEU E 77 -5.34 2.07 -12.54
CA LEU E 77 -5.53 3.46 -12.17
C LEU E 77 -4.49 4.38 -12.78
N THR E 78 -3.29 3.87 -13.03
CA THR E 78 -2.23 4.69 -13.64
C THR E 78 -2.18 4.57 -15.15
N GLU E 79 -3.07 3.79 -15.73
CA GLU E 79 -3.14 3.56 -17.17
C GLU E 79 -1.81 3.02 -17.70
N ALA E 80 -1.14 2.18 -16.90
CA ALA E 80 0.10 1.56 -17.33
C ALA E 80 -0.16 0.55 -18.46
N LYS E 81 0.70 0.59 -19.46
CA LYS E 81 0.64 -0.36 -20.55
C LYS E 81 1.09 -1.75 -20.03
N VAL E 82 0.21 -2.73 -20.23
CA VAL E 82 0.52 -4.13 -20.01
C VAL E 82 1.14 -4.65 -21.30
N GLU E 83 2.34 -5.22 -21.18
CA GLU E 83 3.01 -5.85 -22.29
C GLU E 83 2.43 -7.23 -22.55
N LYS E 84 2.68 -8.17 -21.64
CA LYS E 84 2.20 -9.55 -21.75
C LYS E 84 1.55 -10.05 -20.48
N LEU E 85 0.66 -11.01 -20.65
CA LEU E 85 0.18 -11.86 -19.57
C LEU E 85 0.53 -13.30 -19.87
N CYS E 86 1.08 -13.99 -18.86
CA CYS E 86 1.14 -15.44 -18.85
C CYS E 86 -0.10 -15.92 -18.12
N VAL E 87 -0.87 -16.80 -18.76
CA VAL E 87 -2.13 -17.25 -18.22
C VAL E 87 -2.29 -18.76 -18.30
N TRP E 88 -3.04 -19.33 -17.33
CA TRP E 88 -3.50 -20.68 -17.47
C TRP E 88 -4.76 -20.67 -18.31
N ASN E 89 -4.77 -21.48 -19.37
CA ASN E 89 -5.85 -21.52 -20.35
C ASN E 89 -6.81 -22.70 -20.12
N ASN E 90 -6.65 -23.40 -18.99
CA ASN E 90 -7.61 -24.42 -18.56
C ASN E 90 -8.67 -23.90 -17.62
N LYS E 91 -8.79 -22.58 -17.56
CA LYS E 91 -9.80 -21.89 -16.76
C LYS E 91 -10.44 -20.85 -17.66
N THR E 92 -11.66 -20.47 -17.31
CA THR E 92 -12.36 -19.41 -17.99
C THR E 92 -12.95 -18.45 -16.94
N PRO E 93 -12.65 -17.15 -17.00
CA PRO E 93 -11.63 -16.54 -17.85
C PRO E 93 -10.24 -17.13 -17.64
N HIS E 94 -9.36 -16.98 -18.60
CA HIS E 94 -7.97 -17.38 -18.41
C HIS E 94 -7.43 -16.77 -17.12
N ALA E 95 -6.65 -17.56 -16.40
CA ALA E 95 -6.18 -17.18 -15.09
C ALA E 95 -4.75 -16.66 -15.12
N ILE E 96 -4.55 -15.49 -14.55
CA ILE E 96 -3.24 -14.83 -14.63
C ILE E 96 -2.22 -15.55 -13.73
N ALA E 97 -1.09 -15.86 -14.36
CA ALA E 97 0.10 -16.44 -13.68
C ALA E 97 1.20 -15.41 -13.50
N ALA E 98 1.32 -14.54 -14.48
CA ALA E 98 2.36 -13.46 -14.49
C ALA E 98 1.96 -12.33 -15.39
N ILE E 99 2.57 -11.17 -15.11
CA ILE E 99 2.35 -9.96 -15.88
C ILE E 99 3.66 -9.26 -16.16
N SER E 100 3.79 -8.70 -17.37
CA SER E 100 4.90 -7.81 -17.66
C SER E 100 4.35 -6.46 -18.11
N MET E 101 4.97 -5.39 -17.64
CA MET E 101 4.65 -4.04 -18.04
C MET E 101 5.88 -3.38 -18.65
N ALA E 102 5.67 -2.73 -19.80
CA ALA E 102 6.73 -2.01 -20.47
C ALA E 102 6.06 -0.98 -21.33
N ASN E 103 6.69 0.17 -21.51
CA ASN E 103 6.02 1.18 -22.31
C ASN E 103 6.12 0.97 -23.81
#